data_2Z3E
#
_entry.id   2Z3E
#
_cell.length_a   108.264
_cell.length_b   82.235
_cell.length_c   53.487
_cell.angle_alpha   90.00
_cell.angle_beta   104.45
_cell.angle_gamma   90.00
#
_symmetry.space_group_name_H-M   'C 1 2 1'
#
loop_
_entity.id
_entity.type
_entity.pdbx_description
1 polymer 'Replicase polyprotein 1ab (pp1ab)'
2 polymer 'ACE VAL Z3E LEU KCQ peptide'
3 non-polymer GLYCEROL
4 water water
#
loop_
_entity_poly.entity_id
_entity_poly.type
_entity_poly.pdbx_seq_one_letter_code
_entity_poly.pdbx_strand_id
1 'polypeptide(L)'
;SGFRKMAFPSGKVEGCMVQVTCGTTTLNGLWLDDTVYCPRHVICTAEDMLNPNYEDLLIRKSNHSFLVQAGNVQLRVIGH
SMQNCLLRLKVDTSNPKTPKYKFVRIQPGQTFSVLACYNGSPSGVYQCAMRPNHTIKGSFLNGSCGSVGFNIDYDCVSFC
YMHHMELPTGVHAGTDLEGKFYGPFVDRQTAQAAGTDTTITLNVLAWLYAAVINGDRWFLNRFTTTLNDFNLVAMKYNYE
PLTQDHVDILGPLSAQTGIAVLDMCAALKELLQNGMNGRTILGSTILEDEFTPFDVVRQCSGVTFQ
;
A
2 'polypeptide(L)' (ACE)V(Z3E)L(KCQ) I
#
loop_
_chem_comp.id
_chem_comp.type
_chem_comp.name
_chem_comp.formula
ACE non-polymer 'ACETYL GROUP' 'C2 H4 O'
GOL non-polymer GLYCEROL 'C3 H8 O3'
KCQ non-polymer (3S)-3-[(2S)-2-AMINO-3-OXOBUTYL]PYRROLIDIN-2-ONE 'C8 H14 N2 O2'
#
# COMPACT_ATOMS: atom_id res chain seq x y z
N SER A 1 10.53 18.67 14.67
CA SER A 1 11.51 18.12 13.68
C SER A 1 11.59 16.57 13.75
N GLY A 2 12.28 15.96 12.78
CA GLY A 2 12.34 14.49 12.59
C GLY A 2 11.62 14.10 11.30
N PHE A 3 11.98 12.98 10.70
CA PHE A 3 11.13 12.46 9.65
C PHE A 3 11.12 10.95 9.65
N ARG A 4 9.98 10.35 9.93
CA ARG A 4 9.88 8.93 10.12
C ARG A 4 8.84 8.32 9.14
N LYS A 5 9.01 7.06 8.69
CA LYS A 5 7.87 6.41 8.00
C LYS A 5 6.82 6.38 9.07
N MET A 6 5.70 7.02 8.83
CA MET A 6 4.69 7.17 9.82
C MET A 6 3.39 6.57 9.30
N ALA A 7 2.75 5.73 10.10
CA ALA A 7 1.59 5.02 9.68
C ALA A 7 0.42 5.78 10.27
N PHE A 8 -0.76 5.62 9.71
CA PHE A 8 -1.96 6.15 10.37
C PHE A 8 -2.30 5.35 11.63
N PRO A 9 -3.00 6.00 12.58
CA PRO A 9 -3.38 5.29 13.77
C PRO A 9 -4.45 4.30 13.36
N SER A 10 -4.37 3.09 13.93
CA SER A 10 -5.02 1.92 13.33
C SER A 10 -6.31 1.58 14.01
N GLY A 11 -6.74 2.40 14.97
CA GLY A 11 -7.85 2.07 15.84
C GLY A 11 -9.13 1.68 15.11
N LYS A 12 -9.52 2.51 14.13
CA LYS A 12 -10.81 2.39 13.44
C LYS A 12 -10.79 1.16 12.55
N VAL A 13 -9.66 0.83 11.96
CA VAL A 13 -9.51 -0.43 11.21
C VAL A 13 -9.55 -1.69 12.10
N GLU A 14 -8.87 -1.66 13.27
CA GLU A 14 -8.81 -2.74 14.25
C GLU A 14 -10.20 -3.19 14.65
N GLY A 15 -11.08 -2.23 14.93
CA GLY A 15 -12.47 -2.57 15.27
C GLY A 15 -13.34 -3.26 14.20
N CYS A 16 -12.75 -3.48 13.03
CA CYS A 16 -13.43 -4.11 11.89
C CYS A 16 -12.82 -5.45 11.55
N MET A 17 -11.78 -5.87 12.26
CA MET A 17 -11.07 -7.09 11.91
C MET A 17 -11.79 -8.30 12.50
N VAL A 18 -11.96 -9.35 11.70
CA VAL A 18 -12.56 -10.62 12.12
C VAL A 18 -11.78 -11.76 11.47
N GLN A 19 -12.08 -12.96 11.95
CA GLN A 19 -11.53 -14.22 11.47
C GLN A 19 -12.60 -14.92 10.58
N VAL A 20 -12.21 -15.30 9.36
CA VAL A 20 -13.08 -16.14 8.55
C VAL A 20 -12.46 -17.52 8.29
N THR A 21 -13.23 -18.56 8.61
CA THR A 21 -12.89 -19.96 8.36
C THR A 21 -13.84 -20.62 7.37
N CYS A 22 -13.26 -21.28 6.37
CA CYS A 22 -13.99 -22.21 5.53
C CYS A 22 -13.20 -23.52 5.50
N GLY A 23 -13.83 -24.61 5.91
CA GLY A 23 -13.14 -25.88 6.00
C GLY A 23 -12.00 -25.83 7.01
N THR A 24 -10.78 -25.89 6.48
CA THR A 24 -9.49 -26.02 7.20
C THR A 24 -8.64 -24.75 6.98
N THR A 25 -9.11 -23.88 6.12
CA THR A 25 -8.46 -22.59 5.88
C THR A 25 -9.04 -21.55 6.83
N THR A 26 -8.15 -20.81 7.51
CA THR A 26 -8.52 -19.62 8.25
C THR A 26 -7.65 -18.43 7.84
N LEU A 27 -8.32 -17.30 7.58
CA LEU A 27 -7.70 -16.03 7.31
C LEU A 27 -8.61 -14.93 7.88
N ASN A 28 -8.15 -13.70 7.77
CA ASN A 28 -8.87 -12.45 8.14
C ASN A 28 -9.88 -11.89 7.10
N GLY A 29 -11.02 -11.41 7.62
CA GLY A 29 -11.96 -10.52 6.90
C GLY A 29 -12.22 -9.12 7.49
N LEU A 30 -12.88 -8.28 6.72
CA LEU A 30 -13.13 -6.88 7.07
C LEU A 30 -14.62 -6.67 7.17
N TRP A 31 -15.11 -6.62 8.41
CA TRP A 31 -16.54 -6.44 8.73
C TRP A 31 -16.91 -4.93 8.72
N LEU A 32 -17.62 -4.52 7.69
CA LEU A 32 -18.18 -3.16 7.61
C LEU A 32 -19.63 -3.30 7.45
N ASP A 33 -20.36 -2.54 8.25
CA ASP A 33 -21.83 -2.66 8.40
C ASP A 33 -22.20 -4.13 8.53
N ASP A 34 -23.17 -4.63 7.76
CA ASP A 34 -23.49 -6.09 7.73
C ASP A 34 -22.65 -7.01 6.77
N THR A 35 -21.52 -6.56 6.26
CA THR A 35 -20.73 -7.43 5.35
C THR A 35 -19.31 -7.67 5.83
N VAL A 36 -18.83 -8.92 5.72
CA VAL A 36 -17.41 -9.22 5.94
C VAL A 36 -16.88 -9.48 4.57
N TYR A 37 -15.73 -8.91 4.28
CA TYR A 37 -15.00 -9.03 3.01
C TYR A 37 -13.74 -9.89 3.24
N CYS A 38 -13.50 -10.91 2.45
CA CYS A 38 -12.23 -11.68 2.51
C CYS A 38 -11.72 -12.22 1.18
N PRO A 39 -10.45 -12.67 1.08
CA PRO A 39 -9.98 -13.37 -0.13
C PRO A 39 -10.83 -14.57 -0.46
N ARG A 40 -11.31 -14.70 -1.69
CA ARG A 40 -12.14 -15.85 -2.07
C ARG A 40 -11.40 -17.17 -1.93
N HIS A 41 -10.08 -17.12 -1.91
CA HIS A 41 -9.29 -18.33 -1.81
C HIS A 41 -9.44 -19.01 -0.44
N VAL A 42 -10.17 -18.34 0.48
CA VAL A 42 -10.67 -19.00 1.69
C VAL A 42 -11.44 -20.29 1.44
N ILE A 43 -11.88 -20.52 0.19
CA ILE A 43 -12.76 -21.66 -0.05
C ILE A 43 -11.93 -22.85 -0.57
N CYS A 44 -10.67 -22.58 -0.82
CA CYS A 44 -9.85 -23.41 -1.66
C CYS A 44 -9.16 -24.55 -0.95
N THR A 45 -9.35 -25.71 -1.56
CA THR A 45 -8.54 -26.85 -1.35
C THR A 45 -7.14 -26.38 -1.73
N ALA A 46 -6.25 -26.39 -0.73
CA ALA A 46 -4.89 -25.91 -0.93
C ALA A 46 -4.16 -26.82 -1.89
N GLU A 47 -4.84 -27.88 -2.35
CA GLU A 47 -4.32 -28.70 -3.44
C GLU A 47 -4.82 -28.20 -4.81
N ASP A 48 -6.03 -27.64 -4.87
CA ASP A 48 -6.48 -26.97 -6.08
C ASP A 48 -6.48 -25.46 -5.93
N MET A 49 -5.35 -24.97 -5.45
CA MET A 49 -4.92 -23.61 -5.66
C MET A 49 -4.21 -23.61 -7.01
N LEU A 50 -3.80 -24.81 -7.43
CA LEU A 50 -3.00 -25.01 -8.63
C LEU A 50 -3.74 -24.54 -9.89
N ASN A 51 -5.05 -24.85 -9.90
CA ASN A 51 -5.98 -24.52 -10.98
C ASN A 51 -7.39 -24.43 -10.38
N PRO A 52 -7.69 -23.37 -9.63
CA PRO A 52 -9.02 -23.33 -9.03
C PRO A 52 -10.03 -22.84 -10.02
N ASN A 53 -11.23 -23.40 -9.94
CA ASN A 53 -12.34 -22.75 -10.60
C ASN A 53 -13.28 -22.33 -9.49
N TYR A 54 -13.33 -21.02 -9.27
CA TYR A 54 -14.01 -20.43 -8.12
C TYR A 54 -15.55 -20.41 -8.15
N GLU A 55 -16.09 -20.18 -9.34
CA GLU A 55 -17.50 -20.22 -9.56
C GLU A 55 -17.92 -21.62 -9.19
N ASP A 56 -17.22 -22.61 -9.72
CA ASP A 56 -17.52 -24.02 -9.51
C ASP A 56 -17.34 -24.45 -8.05
N LEU A 57 -16.23 -24.04 -7.45
CA LEU A 57 -15.96 -24.23 -6.03
C LEU A 57 -16.96 -23.52 -5.09
N LEU A 58 -17.40 -22.31 -5.45
CA LEU A 58 -18.31 -21.56 -4.59
C LEU A 58 -19.74 -22.12 -4.56
N ILE A 59 -20.29 -22.52 -5.72
CA ILE A 59 -21.62 -23.12 -5.82
C ILE A 59 -21.78 -24.32 -4.90
N ARG A 60 -20.67 -25.02 -4.63
CA ARG A 60 -20.63 -26.17 -3.69
C ARG A 60 -20.70 -25.80 -2.21
N LYS A 61 -20.71 -24.52 -1.88
CA LYS A 61 -20.71 -24.05 -0.51
C LYS A 61 -22.11 -23.51 -0.20
N SER A 62 -22.56 -23.69 1.05
CA SER A 62 -23.70 -22.93 1.53
C SER A 62 -23.23 -21.76 2.38
N ASN A 63 -24.18 -21.08 2.98
CA ASN A 63 -23.97 -19.99 3.92
C ASN A 63 -23.25 -20.44 5.17
N HIS A 64 -23.57 -21.64 5.63
CA HIS A 64 -23.06 -22.17 6.88
C HIS A 64 -21.78 -22.99 6.72
N SER A 65 -21.19 -22.92 5.54
CA SER A 65 -19.86 -23.45 5.24
C SER A 65 -18.76 -22.49 5.78
N PHE A 66 -19.14 -21.23 5.97
CA PHE A 66 -18.29 -20.19 6.54
C PHE A 66 -18.61 -19.87 8.00
N LEU A 67 -17.57 -19.76 8.83
CA LEU A 67 -17.71 -19.20 10.18
C LEU A 67 -16.96 -17.86 10.27
N VAL A 68 -17.66 -16.86 10.80
CA VAL A 68 -17.11 -15.54 11.02
C VAL A 68 -17.04 -15.37 12.54
N GLN A 69 -15.82 -15.12 13.01
CA GLN A 69 -15.63 -14.92 14.44
C GLN A 69 -15.15 -13.50 14.75
N ALA A 70 -15.96 -12.78 15.51
CA ALA A 70 -15.60 -11.43 15.93
C ALA A 70 -15.35 -11.38 17.44
N GLY A 71 -14.07 -11.47 17.83
CA GLY A 71 -13.71 -11.58 19.25
C GLY A 71 -14.08 -12.97 19.73
N ASN A 72 -14.88 -13.05 20.79
CA ASN A 72 -15.44 -14.34 21.27
C ASN A 72 -16.88 -14.63 20.79
N VAL A 73 -17.43 -13.74 19.96
CA VAL A 73 -18.78 -13.85 19.35
C VAL A 73 -18.72 -14.51 17.95
N GLN A 74 -19.63 -15.43 17.65
CA GLN A 74 -19.81 -15.98 16.30
C GLN A 74 -20.82 -15.15 15.54
N LEU A 75 -20.48 -14.78 14.31
CA LEU A 75 -21.46 -14.13 13.44
C LEU A 75 -22.12 -15.15 12.50
N ARG A 76 -23.44 -15.14 12.42
CA ARG A 76 -24.10 -16.03 11.45
C ARG A 76 -24.06 -15.42 10.06
N VAL A 77 -23.46 -16.15 9.12
CA VAL A 77 -23.49 -15.83 7.68
C VAL A 77 -24.90 -16.17 7.10
N ILE A 78 -25.58 -15.16 6.56
CA ILE A 78 -26.92 -15.28 6.00
C ILE A 78 -26.96 -14.95 4.47
N GLY A 79 -25.79 -14.70 3.86
CA GLY A 79 -25.69 -14.63 2.40
C GLY A 79 -24.22 -14.53 1.97
N HIS A 80 -23.95 -14.63 0.67
CA HIS A 80 -22.58 -14.61 0.15
C HIS A 80 -22.55 -14.51 -1.34
N SER A 81 -21.55 -13.81 -1.83
CA SER A 81 -21.41 -13.58 -3.26
C SER A 81 -19.94 -13.39 -3.55
N MET A 82 -19.54 -13.73 -4.75
CA MET A 82 -18.18 -13.50 -5.16
C MET A 82 -18.12 -12.15 -5.91
N GLN A 83 -17.20 -11.29 -5.48
CA GLN A 83 -16.94 -10.07 -6.25
C GLN A 83 -15.51 -10.06 -6.70
N ASN A 84 -15.28 -10.44 -7.94
CA ASN A 84 -13.91 -10.62 -8.44
C ASN A 84 -13.17 -11.61 -7.57
N CYS A 85 -12.06 -11.23 -6.96
CA CYS A 85 -11.25 -12.11 -6.09
C CYS A 85 -11.51 -12.03 -4.59
N LEU A 86 -12.67 -11.49 -4.22
CA LEU A 86 -13.11 -11.47 -2.85
C LEU A 86 -14.47 -12.18 -2.69
N LEU A 87 -14.76 -12.47 -1.44
CA LEU A 87 -16.06 -12.88 -1.01
C LEU A 87 -16.70 -11.81 -0.15
N ARG A 88 -17.99 -11.67 -0.35
CA ARG A 88 -18.81 -10.79 0.42
C ARG A 88 -19.73 -11.66 1.22
N LEU A 89 -19.48 -11.75 2.52
CA LEU A 89 -20.30 -12.56 3.40
C LEU A 89 -21.29 -11.68 4.14
N LYS A 90 -22.58 -11.99 4.10
CA LYS A 90 -23.58 -11.16 4.78
C LYS A 90 -23.79 -11.80 6.13
N VAL A 91 -23.55 -11.05 7.19
CA VAL A 91 -23.71 -11.57 8.55
C VAL A 91 -24.99 -10.98 9.13
N ASP A 92 -25.47 -11.51 10.25
CA ASP A 92 -26.73 -11.08 10.89
C ASP A 92 -26.63 -9.84 11.82
N THR A 93 -25.39 -9.38 12.07
CA THR A 93 -25.14 -8.24 12.93
C THR A 93 -24.28 -7.22 12.17
N SER A 94 -24.78 -6.00 12.09
CA SER A 94 -23.97 -4.89 11.60
C SER A 94 -22.88 -4.55 12.60
N ASN A 95 -21.69 -4.27 12.11
CA ASN A 95 -20.59 -3.90 12.98
C ASN A 95 -20.77 -2.53 13.67
N PRO A 96 -20.93 -2.54 15.02
CA PRO A 96 -21.09 -1.24 15.71
C PRO A 96 -19.83 -0.34 15.65
N LYS A 97 -18.67 -0.93 15.41
CA LYS A 97 -17.45 -0.15 15.36
C LYS A 97 -17.14 0.39 13.97
N THR A 98 -18.08 0.22 13.02
CA THR A 98 -17.86 0.61 11.61
C THR A 98 -17.57 2.12 11.40
N PRO A 99 -16.34 2.43 10.93
CA PRO A 99 -16.00 3.85 10.76
C PRO A 99 -16.71 4.34 9.51
N LYS A 100 -16.71 5.65 9.34
CA LYS A 100 -17.02 6.18 8.04
C LYS A 100 -15.85 5.73 7.16
N TYR A 101 -16.16 5.26 5.95
CA TYR A 101 -15.20 4.63 5.08
C TYR A 101 -15.61 4.79 3.61
N LYS A 102 -14.60 4.76 2.75
CA LYS A 102 -14.70 4.67 1.31
C LYS A 102 -13.83 3.46 0.92
N PHE A 103 -14.21 2.80 -0.17
CA PHE A 103 -13.30 1.93 -0.88
C PHE A 103 -12.61 2.74 -1.97
N VAL A 104 -11.30 2.65 -2.07
CA VAL A 104 -10.54 3.47 -3.04
C VAL A 104 -9.49 2.59 -3.74
N ARG A 105 -9.24 2.84 -5.01
CA ARG A 105 -8.20 2.11 -5.74
C ARG A 105 -7.04 3.02 -5.87
N ILE A 106 -5.89 2.60 -5.34
CA ILE A 106 -4.73 3.48 -5.17
C ILE A 106 -3.85 3.30 -6.41
N GLN A 107 -3.01 4.30 -6.67
CA GLN A 107 -2.34 4.46 -7.91
C GLN A 107 -0.87 4.24 -7.62
N PRO A 108 -0.08 3.78 -8.62
CA PRO A 108 1.32 3.38 -8.30
C PRO A 108 2.08 4.58 -7.69
N GLY A 109 3.01 4.37 -6.76
CA GLY A 109 3.68 5.49 -6.11
C GLY A 109 2.99 6.00 -4.85
N GLN A 110 1.72 5.70 -4.65
CA GLN A 110 1.01 6.19 -3.49
C GLN A 110 1.36 5.33 -2.30
N THR A 111 1.21 5.88 -1.10
CA THR A 111 1.39 5.08 0.08
C THR A 111 0.06 4.83 0.83
N PHE A 112 0.12 3.87 1.76
CA PHE A 112 -0.99 3.49 2.63
C PHE A 112 -0.35 2.74 3.85
N SER A 113 -1.19 2.51 4.85
CA SER A 113 -0.80 1.92 6.07
C SER A 113 -1.39 0.52 6.02
N VAL A 114 -0.65 -0.46 6.55
CA VAL A 114 -0.98 -1.90 6.52
C VAL A 114 -1.12 -2.35 7.94
N LEU A 115 -2.30 -2.88 8.25
CA LEU A 115 -2.54 -3.46 9.53
C LEU A 115 -2.47 -4.98 9.38
N ALA A 116 -1.29 -5.52 9.67
CA ALA A 116 -1.05 -6.94 9.66
C ALA A 116 -1.82 -7.68 10.78
N CYS A 117 -2.64 -8.68 10.39
CA CYS A 117 -3.36 -9.52 11.36
C CYS A 117 -3.13 -10.97 11.09
N TYR A 118 -3.41 -11.76 12.11
CA TYR A 118 -3.37 -13.25 12.12
C TYR A 118 -4.58 -13.61 12.97
N ASN A 119 -5.37 -14.59 12.51
CA ASN A 119 -6.57 -15.03 13.23
C ASN A 119 -7.54 -13.92 13.61
N GLY A 120 -7.76 -12.95 12.73
CA GLY A 120 -8.57 -11.75 13.08
C GLY A 120 -8.12 -10.83 14.24
N SER A 121 -6.94 -11.08 14.80
CA SER A 121 -6.41 -10.19 15.78
C SER A 121 -5.20 -9.45 15.17
N PRO A 122 -5.24 -8.09 15.19
CA PRO A 122 -4.21 -7.24 14.66
C PRO A 122 -2.89 -7.39 15.39
N SER A 123 -1.77 -7.47 14.67
CA SER A 123 -0.49 -7.61 15.36
C SER A 123 0.49 -6.46 15.10
N GLY A 124 0.28 -5.67 14.09
CA GLY A 124 1.26 -4.61 13.84
C GLY A 124 0.88 -3.74 12.67
N VAL A 125 1.39 -2.53 12.68
CA VAL A 125 1.01 -1.56 11.68
C VAL A 125 2.33 -1.02 11.08
N TYR A 126 2.37 -0.91 9.75
CA TYR A 126 3.48 -0.28 9.07
C TYR A 126 2.91 0.39 7.80
N GLN A 127 3.77 1.22 7.19
CA GLN A 127 3.60 2.04 6.02
C GLN A 127 4.29 1.42 4.82
N CYS A 128 3.72 1.58 3.64
N CYS A 128 3.62 1.51 3.66
CA CYS A 128 4.42 1.19 2.43
CA CYS A 128 4.07 0.90 2.39
C CYS A 128 3.77 1.84 1.24
C CYS A 128 3.76 1.88 1.26
N ALA A 129 4.50 1.77 0.14
CA ALA A 129 4.11 2.39 -1.15
C ALA A 129 3.73 1.26 -2.10
N MET A 130 2.68 1.48 -2.87
CA MET A 130 2.42 0.74 -4.10
C MET A 130 3.60 1.01 -5.06
N ARG A 131 4.44 -0.02 -5.25
CA ARG A 131 5.52 0.04 -6.24
C ARG A 131 4.99 0.25 -7.66
N PRO A 132 5.84 0.81 -8.57
CA PRO A 132 5.43 0.80 -10.01
C PRO A 132 5.03 -0.59 -10.59
N ASN A 133 5.64 -1.68 -10.13
CA ASN A 133 5.31 -3.00 -10.66
C ASN A 133 4.18 -3.70 -9.88
N HIS A 134 3.45 -2.93 -9.06
CA HIS A 134 2.17 -3.29 -8.47
C HIS A 134 2.26 -4.26 -7.27
N THR A 135 3.49 -4.46 -6.78
CA THR A 135 3.78 -5.18 -5.57
C THR A 135 3.93 -4.16 -4.42
N ILE A 136 3.92 -4.65 -3.18
CA ILE A 136 4.30 -3.88 -1.97
C ILE A 136 5.43 -4.66 -1.33
N LYS A 137 6.33 -3.95 -0.65
CA LYS A 137 7.32 -4.58 0.23
C LYS A 137 6.81 -4.67 1.68
N GLY A 138 6.04 -5.72 1.95
CA GLY A 138 5.36 -5.78 3.20
C GLY A 138 6.12 -6.69 4.15
N SER A 139 5.50 -7.07 5.25
CA SER A 139 6.08 -8.07 6.09
C SER A 139 4.90 -8.92 6.48
N PHE A 140 4.80 -10.13 5.96
CA PHE A 140 3.60 -10.97 6.11
C PHE A 140 3.99 -12.43 6.32
N LEU A 141 3.44 -13.06 7.33
CA LEU A 141 3.63 -14.50 7.57
C LEU A 141 2.35 -15.22 7.13
N ASN A 142 2.24 -16.52 7.37
CA ASN A 142 1.09 -17.23 6.88
C ASN A 142 -0.09 -16.94 7.81
N GLY A 143 -1.31 -16.90 7.25
CA GLY A 143 -2.53 -16.46 7.97
C GLY A 143 -2.74 -14.94 7.95
N SER A 144 -1.88 -14.21 7.26
CA SER A 144 -2.01 -12.78 7.14
C SER A 144 -2.99 -12.28 6.02
N CYS A 145 -3.38 -13.15 5.11
CA CYS A 145 -4.20 -12.68 4.05
C CYS A 145 -5.59 -12.32 4.54
N GLY A 146 -6.23 -11.37 3.84
CA GLY A 146 -7.31 -10.51 4.42
C GLY A 146 -6.84 -9.32 5.26
N SER A 147 -5.54 -9.22 5.57
CA SER A 147 -4.95 -8.04 6.23
C SER A 147 -5.17 -6.92 5.26
N VAL A 148 -5.42 -5.70 5.77
CA VAL A 148 -5.77 -4.55 4.95
C VAL A 148 -4.79 -3.36 5.02
N GLY A 149 -4.69 -2.67 3.88
CA GLY A 149 -4.11 -1.31 3.81
C GLY A 149 -5.18 -0.23 3.74
N PHE A 150 -4.82 0.98 4.18
CA PHE A 150 -5.82 2.08 4.36
C PHE A 150 -5.10 3.43 4.51
N ASN A 151 -5.81 4.51 4.21
CA ASN A 151 -5.45 5.89 4.54
C ASN A 151 -6.65 6.51 5.29
N ILE A 152 -6.44 7.64 5.94
CA ILE A 152 -7.50 8.22 6.76
C ILE A 152 -7.42 9.72 6.49
N ASP A 153 -8.57 10.15 5.95
CA ASP A 153 -8.88 11.53 5.56
C ASP A 153 -9.95 12.05 6.54
N TYR A 154 -9.46 12.99 7.52
CA TYR A 154 -10.44 13.20 8.56
C TYR A 154 -10.79 12.04 9.53
N ASP A 155 -12.07 11.66 9.54
CA ASP A 155 -12.47 10.45 10.28
C ASP A 155 -12.95 9.32 9.34
N CYS A 156 -12.52 9.48 8.13
CA CYS A 156 -12.97 8.61 7.06
C CYS A 156 -11.81 7.74 6.61
N VAL A 157 -12.06 6.44 6.75
CA VAL A 157 -11.07 5.43 6.43
C VAL A 157 -11.29 5.01 4.98
N SER A 158 -10.33 5.37 4.13
CA SER A 158 -10.31 4.89 2.78
C SER A 158 -9.46 3.59 2.69
N PHE A 159 -10.13 2.47 2.49
CA PHE A 159 -9.50 1.17 2.32
C PHE A 159 -9.06 1.07 0.89
N CYS A 160 -7.82 0.68 0.68
CA CYS A 160 -7.25 0.51 -0.67
C CYS A 160 -6.69 -0.89 -1.03
N TYR A 161 -6.50 -1.77 -0.04
CA TYR A 161 -5.66 -2.99 -0.18
C TYR A 161 -6.14 -4.08 0.78
N MET A 162 -6.23 -5.29 0.24
CA MET A 162 -6.48 -6.47 0.99
C MET A 162 -5.51 -7.52 0.45
N HIS A 163 -4.84 -8.22 1.37
CA HIS A 163 -3.68 -8.99 1.06
C HIS A 163 -4.08 -10.38 0.61
N HIS A 164 -3.48 -10.82 -0.52
CA HIS A 164 -3.73 -12.19 -1.08
C HIS A 164 -2.46 -13.10 -1.05
N MET A 165 -1.34 -12.62 -1.55
CA MET A 165 -0.19 -13.52 -1.65
C MET A 165 1.20 -12.90 -1.62
N GLU A 166 2.19 -13.82 -1.47
CA GLU A 166 3.62 -13.59 -1.57
C GLU A 166 4.25 -14.17 -2.84
N LEU A 167 5.17 -13.40 -3.44
CA LEU A 167 5.88 -13.74 -4.67
C LEU A 167 7.28 -14.33 -4.42
N PRO A 168 7.88 -14.97 -5.46
CA PRO A 168 9.20 -15.64 -5.28
C PRO A 168 10.30 -14.73 -4.68
N THR A 169 10.22 -13.42 -4.97
CA THR A 169 11.20 -12.41 -4.47
C THR A 169 10.90 -11.94 -3.04
N GLY A 170 9.79 -12.39 -2.48
CA GLY A 170 9.46 -12.02 -1.13
C GLY A 170 8.71 -10.70 -1.03
N VAL A 171 8.18 -10.22 -2.15
CA VAL A 171 7.28 -9.06 -2.19
C VAL A 171 5.82 -9.57 -2.27
N HIS A 172 4.84 -8.65 -2.12
CA HIS A 172 3.47 -8.97 -1.81
C HIS A 172 2.46 -8.49 -2.83
N ALA A 173 1.38 -9.25 -2.97
CA ALA A 173 0.34 -8.86 -3.93
C ALA A 173 -1.11 -9.06 -3.40
N GLY A 174 -1.99 -8.18 -3.84
CA GLY A 174 -3.36 -8.32 -3.47
C GLY A 174 -4.25 -7.50 -4.35
N THR A 175 -5.44 -7.25 -3.83
CA THR A 175 -6.50 -6.62 -4.55
C THR A 175 -6.94 -5.28 -3.87
N ASP A 176 -7.63 -4.40 -4.62
CA ASP A 176 -8.46 -3.37 -3.99
C ASP A 176 -9.56 -4.00 -3.12
N LEU A 177 -10.52 -3.21 -2.61
CA LEU A 177 -11.63 -3.73 -1.82
C LEU A 177 -12.91 -4.00 -2.63
N GLU A 178 -12.71 -4.10 -3.93
CA GLU A 178 -13.70 -4.70 -4.83
C GLU A 178 -13.16 -5.98 -5.46
N GLY A 179 -11.94 -6.36 -5.08
CA GLY A 179 -11.39 -7.69 -5.41
C GLY A 179 -10.59 -7.72 -6.71
N LYS A 180 -10.23 -6.52 -7.19
CA LYS A 180 -9.46 -6.37 -8.42
C LYS A 180 -7.97 -6.31 -8.08
N PHE A 181 -7.22 -7.32 -8.52
CA PHE A 181 -5.79 -7.37 -8.23
C PHE A 181 -5.07 -6.07 -8.56
N TYR A 182 -4.03 -5.76 -7.80
CA TYR A 182 -3.03 -4.78 -8.26
C TYR A 182 -2.01 -5.60 -9.05
N GLY A 183 -1.62 -5.11 -10.22
CA GLY A 183 -0.69 -5.83 -11.10
C GLY A 183 -1.39 -6.90 -11.94
N PRO A 184 -0.64 -7.58 -12.83
CA PRO A 184 -1.12 -8.72 -13.64
C PRO A 184 -1.29 -10.06 -12.89
N PHE A 185 -1.39 -10.03 -11.58
CA PHE A 185 -1.41 -11.25 -10.77
C PHE A 185 -2.77 -11.90 -10.52
N VAL A 186 -2.73 -13.23 -10.34
CA VAL A 186 -3.91 -14.09 -10.15
C VAL A 186 -3.81 -14.85 -8.80
N ASP A 187 -4.97 -15.26 -8.27
CA ASP A 187 -5.11 -16.01 -7.03
C ASP A 187 -5.21 -17.47 -7.38
N ARG A 188 -4.16 -17.92 -8.08
CA ARG A 188 -3.82 -19.32 -8.21
C ARG A 188 -2.34 -19.55 -7.89
N GLN A 189 -2.05 -20.74 -7.39
CA GLN A 189 -0.70 -21.26 -7.18
C GLN A 189 -0.06 -21.63 -8.53
N THR A 190 0.57 -20.64 -9.17
CA THR A 190 1.16 -20.84 -10.48
C THR A 190 2.46 -20.03 -10.57
N ALA A 191 3.22 -20.17 -11.64
CA ALA A 191 4.46 -19.36 -11.79
C ALA A 191 4.16 -17.92 -12.22
N GLN A 192 4.34 -16.99 -11.28
CA GLN A 192 4.16 -15.56 -11.49
C GLN A 192 5.28 -14.85 -10.77
N ALA A 193 5.66 -13.69 -11.26
CA ALA A 193 6.83 -13.03 -10.77
C ALA A 193 6.65 -11.51 -10.85
N ALA A 194 7.17 -10.79 -9.88
CA ALA A 194 7.15 -9.33 -9.94
C ALA A 194 7.87 -8.85 -11.21
N GLY A 195 7.24 -7.95 -11.98
CA GLY A 195 7.92 -7.27 -13.07
C GLY A 195 9.08 -6.43 -12.57
N THR A 196 9.93 -5.98 -13.49
CA THR A 196 11.01 -5.05 -13.16
C THR A 196 10.39 -3.79 -12.49
N ASP A 197 11.01 -3.33 -11.39
CA ASP A 197 10.58 -2.10 -10.70
C ASP A 197 11.49 -0.90 -11.08
N THR A 198 10.92 0.31 -10.93
CA THR A 198 11.64 1.57 -11.09
C THR A 198 11.51 2.34 -9.78
N THR A 199 12.40 3.30 -9.55
CA THR A 199 12.31 4.22 -8.41
C THR A 199 11.24 5.28 -8.65
N ILE A 200 10.50 5.63 -7.59
CA ILE A 200 9.41 6.61 -7.69
C ILE A 200 10.03 8.00 -7.53
N THR A 201 10.17 8.71 -8.64
CA THR A 201 10.84 10.04 -8.75
C THR A 201 10.06 11.19 -8.09
N LEU A 202 8.78 11.19 -8.28
CA LEU A 202 7.99 12.13 -7.55
C LEU A 202 8.35 12.03 -6.05
N ASN A 203 8.31 10.81 -5.50
CA ASN A 203 8.54 10.65 -4.06
C ASN A 203 9.92 11.08 -3.59
N VAL A 204 10.93 10.82 -4.42
CA VAL A 204 12.34 11.19 -4.12
C VAL A 204 12.47 12.68 -4.01
N LEU A 205 11.97 13.37 -5.02
CA LEU A 205 11.94 14.82 -5.04
C LEU A 205 11.20 15.37 -3.81
N ALA A 206 9.97 14.97 -3.58
CA ALA A 206 9.23 15.35 -2.35
C ALA A 206 10.09 15.19 -1.06
N TRP A 207 10.76 14.04 -0.93
CA TRP A 207 11.58 13.79 0.24
C TRP A 207 12.86 14.67 0.32
N LEU A 208 13.36 15.07 -0.87
CA LEU A 208 14.36 16.14 -0.95
C LEU A 208 13.77 17.50 -0.52
N TYR A 209 12.50 17.74 -0.78
CA TYR A 209 11.94 18.95 -0.22
C TYR A 209 11.84 18.86 1.27
N ALA A 210 11.56 17.66 1.81
CA ALA A 210 11.35 17.45 3.24
C ALA A 210 12.64 17.79 3.98
N ALA A 211 13.76 17.34 3.40
CA ALA A 211 15.11 17.60 3.89
C ALA A 211 15.36 19.10 4.03
N VAL A 212 15.05 19.86 2.99
CA VAL A 212 15.19 21.32 3.04
C VAL A 212 14.25 21.99 4.08
N ILE A 213 13.02 21.48 4.22
CA ILE A 213 12.03 22.07 5.10
C ILE A 213 12.53 21.91 6.54
N ASN A 214 13.12 20.74 6.80
CA ASN A 214 13.73 20.43 8.11
C ASN A 214 15.08 21.11 8.35
N GLY A 215 15.71 21.60 7.28
CA GLY A 215 16.87 22.47 7.47
C GLY A 215 18.15 22.11 6.74
N ASP A 216 18.11 21.04 5.93
CA ASP A 216 19.26 20.63 5.11
C ASP A 216 19.22 21.08 3.64
N ARG A 217 20.29 21.76 3.23
CA ARG A 217 20.48 22.25 1.90
C ARG A 217 21.74 21.73 1.20
N TRP A 218 22.50 20.84 1.84
CA TRP A 218 23.83 20.46 1.32
C TRP A 218 23.94 19.97 -0.16
N PHE A 219 22.85 19.38 -0.65
CA PHE A 219 22.77 18.68 -1.95
C PHE A 219 22.32 19.62 -3.07
N LEU A 220 21.91 20.84 -2.71
CA LEU A 220 21.52 21.82 -3.73
C LEU A 220 22.67 22.24 -4.61
N ASN A 221 22.39 22.85 -5.77
CA ASN A 221 23.45 23.36 -6.67
C ASN A 221 23.05 24.61 -7.49
N ARG A 222 24.01 25.28 -8.12
CA ARG A 222 23.74 26.50 -8.91
C ARG A 222 23.17 26.15 -10.31
N PHE A 223 22.55 24.98 -10.43
CA PHE A 223 22.17 24.47 -11.75
C PHE A 223 20.67 24.26 -11.88
N THR A 224 20.20 24.30 -13.13
CA THR A 224 18.82 23.95 -13.47
C THR A 224 18.89 22.95 -14.63
N THR A 225 17.76 22.32 -14.94
CA THR A 225 17.68 21.37 -16.01
C THR A 225 16.33 21.53 -16.67
N THR A 226 16.25 21.20 -17.97
CA THR A 226 14.96 21.04 -18.62
C THR A 226 14.33 19.81 -18.08
N LEU A 227 13.02 19.76 -18.19
CA LEU A 227 12.32 18.52 -17.90
C LEU A 227 12.95 17.34 -18.67
N ASN A 228 13.11 17.52 -19.98
CA ASN A 228 13.51 16.44 -20.86
C ASN A 228 14.91 15.90 -20.59
N ASP A 229 15.88 16.79 -20.40
CA ASP A 229 17.23 16.35 -20.01
C ASP A 229 17.33 15.67 -18.63
N PHE A 230 16.47 16.04 -17.68
CA PHE A 230 16.36 15.26 -16.43
C PHE A 230 16.04 13.81 -16.77
N ASN A 231 15.11 13.61 -17.70
CA ASN A 231 14.59 12.28 -18.01
C ASN A 231 15.53 11.30 -18.71
N LEU A 232 16.40 11.81 -19.57
CA LEU A 232 17.52 10.99 -20.09
C LEU A 232 18.41 10.42 -18.97
N VAL A 233 18.66 11.24 -17.94
CA VAL A 233 19.32 10.79 -16.72
C VAL A 233 18.42 9.84 -15.93
N ALA A 234 17.12 10.14 -15.81
CA ALA A 234 16.21 9.29 -15.01
C ALA A 234 16.18 7.86 -15.51
N MET A 235 16.04 7.75 -16.82
CA MET A 235 16.00 6.50 -17.52
C MET A 235 17.26 5.64 -17.33
N LYS A 236 18.40 6.30 -17.31
CA LYS A 236 19.69 5.61 -17.20
C LYS A 236 19.92 5.04 -15.78
N TYR A 237 19.24 5.64 -14.79
CA TYR A 237 19.35 5.26 -13.37
C TYR A 237 18.12 4.54 -12.96
N ASN A 238 17.32 4.14 -13.92
CA ASN A 238 16.04 3.46 -13.64
C ASN A 238 15.11 4.17 -12.63
N TYR A 239 15.01 5.48 -12.76
CA TYR A 239 13.97 6.32 -12.16
C TYR A 239 12.83 6.48 -13.14
N GLU A 240 11.58 6.51 -12.65
CA GLU A 240 10.44 6.92 -13.44
C GLU A 240 10.68 8.29 -14.08
N PRO A 241 10.28 8.44 -15.38
CA PRO A 241 10.24 9.78 -16.00
C PRO A 241 9.43 10.78 -15.18
N LEU A 242 9.94 11.99 -15.09
CA LEU A 242 9.20 13.12 -14.52
C LEU A 242 8.25 13.75 -15.58
N THR A 243 7.03 14.06 -15.14
CA THR A 243 6.06 14.67 -16.00
C THR A 243 5.82 16.09 -15.52
N GLN A 244 5.13 16.86 -16.35
CA GLN A 244 4.71 18.21 -16.01
C GLN A 244 3.72 18.14 -14.85
N ASP A 245 2.79 17.19 -14.89
CA ASP A 245 1.89 16.95 -13.78
C ASP A 245 2.61 16.68 -12.43
N HIS A 246 3.65 15.86 -12.43
CA HIS A 246 4.54 15.74 -11.27
C HIS A 246 5.18 17.08 -10.87
N VAL A 247 5.68 17.86 -11.85
CA VAL A 247 6.14 19.24 -11.57
C VAL A 247 5.01 20.04 -10.85
N ASP A 248 3.84 20.18 -11.48
CA ASP A 248 2.67 20.80 -10.80
C ASP A 248 2.51 20.35 -9.34
N ILE A 249 2.65 19.04 -9.02
CA ILE A 249 2.29 18.49 -7.72
C ILE A 249 3.24 19.02 -6.64
N LEU A 250 4.46 19.27 -7.07
CA LEU A 250 5.51 19.70 -6.18
C LEU A 250 5.45 21.25 -5.96
N GLY A 251 4.48 21.89 -6.62
CA GLY A 251 4.12 23.29 -6.41
C GLY A 251 4.24 23.85 -5.00
N PRO A 252 3.41 23.38 -4.04
CA PRO A 252 3.52 23.91 -2.69
C PRO A 252 4.83 23.74 -1.93
N LEU A 253 5.58 22.65 -2.17
CA LEU A 253 6.79 22.29 -1.40
C LEU A 253 7.85 23.21 -1.87
N SER A 254 7.87 23.35 -3.19
CA SER A 254 8.73 24.33 -3.89
C SER A 254 8.41 25.82 -3.59
N ALA A 255 7.13 26.15 -3.42
CA ALA A 255 6.74 27.50 -2.98
C ALA A 255 7.26 27.73 -1.56
N GLN A 256 6.98 26.75 -0.66
CA GLN A 256 7.41 26.78 0.75
C GLN A 256 8.92 26.88 1.00
N THR A 257 9.75 26.29 0.14
CA THR A 257 11.23 26.33 0.26
C THR A 257 11.89 27.38 -0.59
N GLY A 258 11.18 27.81 -1.64
CA GLY A 258 11.78 28.71 -2.62
C GLY A 258 12.68 28.01 -3.63
N ILE A 259 12.71 26.68 -3.66
CA ILE A 259 13.47 25.98 -4.74
C ILE A 259 12.52 25.53 -5.85
N ALA A 260 12.73 26.08 -7.06
CA ALA A 260 12.00 25.73 -8.26
C ALA A 260 12.18 24.22 -8.51
N VAL A 261 11.16 23.57 -9.06
CA VAL A 261 11.14 22.09 -9.17
C VAL A 261 12.29 21.59 -10.05
N LEU A 262 12.61 22.35 -11.09
CA LEU A 262 13.65 21.95 -12.03
C LEU A 262 15.03 22.21 -11.46
N ASP A 263 15.14 23.20 -10.57
CA ASP A 263 16.31 23.38 -9.68
C ASP A 263 16.54 22.12 -8.82
N MET A 264 15.51 21.65 -8.11
CA MET A 264 15.57 20.38 -7.39
C MET A 264 15.89 19.17 -8.25
N CYS A 265 15.30 19.08 -9.44
CA CYS A 265 15.63 18.00 -10.39
C CYS A 265 17.09 18.03 -10.80
N ALA A 266 17.64 19.23 -10.97
CA ALA A 266 19.05 19.42 -11.23
C ALA A 266 19.90 18.86 -10.08
N ALA A 267 19.45 19.07 -8.85
CA ALA A 267 20.19 18.62 -7.71
C ALA A 267 20.06 17.08 -7.59
N LEU A 268 18.86 16.54 -7.85
CA LEU A 268 18.63 15.07 -8.00
C LEU A 268 19.59 14.41 -9.01
N LYS A 269 19.60 14.94 -10.22
CA LYS A 269 20.48 14.57 -11.32
C LYS A 269 21.95 14.43 -10.88
N GLU A 270 22.44 15.43 -10.17
CA GLU A 270 23.79 15.40 -9.56
C GLU A 270 24.02 14.37 -8.42
N LEU A 271 23.04 14.23 -7.55
CA LEU A 271 23.06 13.14 -6.56
C LEU A 271 23.23 11.77 -7.24
N LEU A 272 22.54 11.55 -8.37
CA LEU A 272 22.59 10.24 -9.06
C LEU A 272 23.90 10.01 -9.80
N GLN A 273 24.54 11.11 -10.24
CA GLN A 273 25.82 11.10 -10.98
C GLN A 273 27.06 11.12 -10.08
N ASN A 274 26.99 11.78 -8.93
CA ASN A 274 28.16 11.90 -8.04
C ASN A 274 28.03 11.06 -6.75
N GLY A 275 26.90 10.39 -6.60
CA GLY A 275 26.55 9.76 -5.35
C GLY A 275 26.40 10.77 -4.24
N MET A 276 26.42 10.28 -3.01
CA MET A 276 26.28 11.10 -1.81
C MET A 276 27.54 11.00 -0.98
N ASN A 277 28.28 9.90 -1.25
CA ASN A 277 29.24 9.27 -0.34
C ASN A 277 29.60 9.97 0.99
N GLY A 278 29.24 9.28 2.08
CA GLY A 278 29.65 9.67 3.42
C GLY A 278 28.54 10.44 4.08
N ARG A 279 27.82 11.20 3.26
CA ARG A 279 26.75 12.08 3.71
C ARG A 279 25.41 11.36 3.69
N THR A 280 24.53 11.84 4.56
CA THR A 280 23.16 11.36 4.65
C THR A 280 22.21 12.54 4.42
N ILE A 281 20.95 12.20 4.10
CA ILE A 281 19.86 13.14 3.89
C ILE A 281 18.66 12.65 4.69
N LEU A 282 18.26 13.39 5.72
CA LEU A 282 17.28 12.92 6.73
C LEU A 282 17.61 11.58 7.41
N GLY A 283 18.89 11.35 7.67
CA GLY A 283 19.31 10.11 8.28
C GLY A 283 19.83 9.13 7.26
N SER A 284 19.16 9.12 6.13
CA SER A 284 19.35 8.20 5.03
C SER A 284 20.63 8.32 4.19
N THR A 285 21.43 7.29 4.31
CA THR A 285 22.49 6.89 3.39
C THR A 285 22.13 6.89 1.90
N ILE A 286 20.84 6.76 1.56
CA ILE A 286 20.36 6.54 0.17
C ILE A 286 19.20 7.47 -0.17
N LEU A 287 18.70 7.42 -1.41
CA LEU A 287 17.60 8.27 -1.84
C LEU A 287 16.30 7.52 -1.66
N GLU A 288 15.44 8.07 -0.80
CA GLU A 288 14.21 7.45 -0.39
C GLU A 288 13.00 7.76 -1.27
N ASP A 289 12.29 6.72 -1.70
CA ASP A 289 11.15 6.89 -2.61
C ASP A 289 9.78 6.49 -2.12
N GLU A 290 9.65 6.23 -0.82
CA GLU A 290 8.36 5.82 -0.23
C GLU A 290 7.58 6.88 0.60
N PHE A 291 7.91 8.16 0.42
CA PHE A 291 7.11 9.29 0.91
C PHE A 291 6.58 10.10 -0.29
N THR A 292 5.27 10.14 -0.48
CA THR A 292 4.67 11.12 -1.40
C THR A 292 4.85 12.59 -0.94
N PRO A 293 4.62 13.58 -1.88
CA PRO A 293 4.37 14.97 -1.50
C PRO A 293 3.29 15.09 -0.38
N PHE A 294 2.15 14.42 -0.53
CA PHE A 294 1.14 14.49 0.52
C PHE A 294 1.70 14.12 1.88
N ASP A 295 2.44 13.01 1.97
CA ASP A 295 3.12 12.55 3.17
C ASP A 295 4.14 13.53 3.73
N VAL A 296 4.91 14.19 2.86
CA VAL A 296 5.79 15.29 3.27
C VAL A 296 4.98 16.49 3.87
N VAL A 297 4.03 17.03 3.14
CA VAL A 297 3.16 18.08 3.70
C VAL A 297 2.57 17.65 5.09
N ARG A 298 2.04 16.43 5.17
CA ARG A 298 1.37 15.88 6.34
C ARG A 298 2.25 15.99 7.57
N GLN A 299 3.53 15.75 7.39
CA GLN A 299 4.36 15.44 8.53
C GLN A 299 5.32 16.57 8.89
N CYS A 300 5.87 17.25 7.88
CA CYS A 300 6.64 18.49 8.16
C CYS A 300 5.83 19.74 8.58
N SER A 301 6.53 20.62 9.29
CA SER A 301 6.13 21.97 9.53
C SER A 301 5.83 22.65 8.19
N GLY A 302 4.80 23.48 8.20
CA GLY A 302 4.42 24.38 7.09
C GLY A 302 5.28 25.61 7.16
N VAL A 303 6.26 25.62 8.08
CA VAL A 303 7.34 26.63 8.18
C VAL A 303 8.74 25.98 8.04
N THR A 304 9.51 26.48 7.04
CA THR A 304 10.87 26.01 6.71
C THR A 304 11.92 26.45 7.73
N PHE A 305 12.85 25.55 8.07
CA PHE A 305 13.99 25.89 8.93
C PHE A 305 15.01 26.49 7.98
N GLN A 306 15.03 27.81 7.97
CA GLN A 306 15.69 28.63 6.93
C GLN A 306 17.11 28.93 7.31
C ACE B 1 5.53 -18.99 -6.99
O ACE B 1 6.18 -18.00 -6.68
CH3 ACE B 1 6.01 -19.97 -8.05
N VAL B 2 4.38 -19.31 -6.39
CA VAL B 2 3.73 -18.40 -5.45
C VAL B 2 3.47 -19.01 -4.04
C Z3E B 3 1.70 -17.70 -1.23
N Z3E B 3 3.32 -18.08 -3.06
O Z3E B 3 1.67 -16.51 -0.91
C1 Z3E B 3 7.65 -18.18 -2.24
C2 Z3E B 3 7.84 -18.55 -3.58
C3 Z3E B 3 9.07 -19.11 -4.00
C4 Z3E B 3 10.13 -19.30 -3.09
C5 Z3E B 3 9.95 -18.93 -1.74
C6 Z3E B 3 8.71 -18.39 -1.32
C7 Z3E B 3 6.31 -17.58 -1.78
CA Z3E B 3 3.02 -18.41 -1.65
CB Z3E B 3 4.26 -18.06 -0.66
OG1 Z3E B 3 5.52 -18.58 -1.13
CG2 Z3E B 3 3.98 -18.56 0.77
N LEU B 4 0.58 -18.46 -1.20
CA LEU B 4 -0.64 -17.77 -0.77
C LEU B 4 -0.69 -17.68 0.77
OAD KCQ B 5 2.14 -13.00 1.78
CD2 KCQ B 5 2.51 -13.99 2.41
NAH KCQ B 5 3.61 -14.18 3.18
CAE KCQ B 5 3.91 -15.54 3.66
CD1 KCQ B 5 2.59 -16.21 3.31
CG KCQ B 5 1.73 -15.26 2.42
CB KCQ B 5 0.35 -14.99 3.02
CA KCQ B 5 -0.51 -16.19 2.72
N KCQ B 5 -0.54 -16.44 1.29
C KCQ B 5 -1.89 -16.06 3.29
O KCQ B 5 -2.02 -15.87 4.50
CMK KCQ B 5 -3.08 -16.22 2.35
C1 GOL C . 6.68 1.64 11.59
O1 GOL C . 6.95 2.39 12.76
C2 GOL C . 6.05 2.56 10.53
O2 GOL C . 4.72 2.86 10.97
C3 GOL C . 6.21 2.09 9.06
O3 GOL C . 7.37 1.31 8.68
C1 GOL D . -27.64 -16.64 -0.69
O1 GOL D . -27.42 -16.99 0.68
C2 GOL D . -26.41 -16.05 -1.40
O2 GOL D . -26.64 -14.70 -1.73
C3 GOL D . -25.98 -16.82 -2.67
O3 GOL D . -27.07 -17.44 -3.34
#